data_9AZ5
#
_entry.id   9AZ5
#
_cell.length_a   51.367
_cell.length_b   52.289
_cell.length_c   54.605
_cell.angle_alpha   90.000
_cell.angle_beta   90.000
_cell.angle_gamma   90.000
#
_symmetry.space_group_name_H-M   'P 21 21 21'
#
loop_
_entity.id
_entity.type
_entity.pdbx_description
1 polymer 'ATP-dependent Clp protease adapter protein ClpS'
2 non-polymer 'MAGNESIUM ION'
3 non-polymer 'DIMETHYL SULFOXIDE'
4 non-polymer 'NICKEL (II) ION'
5 water water
#
_entity_poly.entity_id   1
_entity_poly.type   'polypeptide(L)'
_entity_poly.pdbx_seq_one_letter_code
;ESTEAPWVTIVWDDPVNLMSYVTYVFQKLFGYSEPHATKLMLQVHNEGKAVVSAGSRESMEVDVSKLHAAGLWATMQQDR
;
_entity_poly.pdbx_strand_id   A,B
#
loop_
_chem_comp.id
_chem_comp.type
_chem_comp.name
_chem_comp.formula
DMS non-polymer 'DIMETHYL SULFOXIDE' 'C2 H6 O S'
MG non-polymer 'MAGNESIUM ION' 'Mg 2'
NI non-polymer 'NICKEL (II) ION' 'Ni 2'
#
# COMPACT_ATOMS: atom_id res chain seq x y z
N GLU A 1 19.19 -15.67 10.08
CA GLU A 1 17.89 -14.98 10.41
C GLU A 1 16.82 -15.40 9.41
N SER A 2 15.58 -15.63 9.85
CA SER A 2 14.56 -16.24 8.94
C SER A 2 14.32 -15.41 7.69
N THR A 3 14.48 -16.02 6.52
CA THR A 3 14.30 -15.34 5.23
C THR A 3 12.84 -15.37 4.83
N GLU A 4 12.02 -16.16 5.52
CA GLU A 4 10.55 -16.21 5.24
C GLU A 4 9.96 -14.97 5.90
N ALA A 5 10.01 -13.84 5.20
CA ALA A 5 9.61 -12.54 5.75
C ALA A 5 9.09 -11.72 4.58
N PRO A 6 8.29 -10.70 4.85
CA PRO A 6 7.68 -9.96 3.75
C PRO A 6 8.61 -8.93 3.11
N TRP A 7 8.32 -8.64 1.86
CA TRP A 7 9.10 -7.77 0.99
C TRP A 7 8.18 -6.69 0.44
N VAL A 8 8.78 -5.62 -0.09
CA VAL A 8 8.04 -4.54 -0.74
C VAL A 8 8.68 -4.26 -2.08
N THR A 9 7.88 -3.73 -3.00
CA THR A 9 8.36 -3.16 -4.26
C THR A 9 8.31 -1.65 -4.13
N ILE A 10 9.39 -1.01 -4.52
CA ILE A 10 9.57 0.43 -4.41
C ILE A 10 9.74 0.95 -5.84
N VAL A 11 9.01 2.01 -6.19
CA VAL A 11 9.21 2.75 -7.45
C VAL A 11 9.96 4.03 -7.12
N TRP A 12 10.99 4.29 -7.92
CA TRP A 12 11.87 5.47 -7.73
C TRP A 12 11.54 6.53 -8.76
N ASP A 13 11.67 7.78 -8.34
CA ASP A 13 11.37 8.91 -9.24
C ASP A 13 12.37 8.95 -10.40
N ASP A 14 11.85 9.17 -11.60
CA ASP A 14 12.69 9.24 -12.82
C ASP A 14 12.34 10.52 -13.55
N PRO A 15 13.28 11.10 -14.30
CA PRO A 15 13.04 12.39 -14.94
C PRO A 15 12.33 12.33 -16.28
N VAL A 16 12.07 11.16 -16.80
CA VAL A 16 11.49 11.03 -18.17
C VAL A 16 9.98 10.72 -18.14
N ASN A 17 9.56 9.74 -17.35
CA ASN A 17 8.14 9.27 -17.39
C ASN A 17 7.18 10.39 -17.01
N LEU A 18 6.05 10.45 -17.72
CA LEU A 18 5.00 11.44 -17.42
C LEU A 18 4.30 11.02 -16.12
N MET A 19 3.90 11.99 -15.32
CA MET A 19 3.13 11.69 -14.11
C MET A 19 1.83 10.96 -14.50
N SER A 20 1.19 11.34 -15.60
CA SER A 20 -0.03 10.65 -16.03
C SER A 20 0.26 9.21 -16.43
N TYR A 21 1.43 8.97 -17.00
CA TYR A 21 1.79 7.61 -17.37
C TYR A 21 1.95 6.74 -16.12
N VAL A 22 2.63 7.26 -15.10
CA VAL A 22 2.88 6.50 -13.88
C VAL A 22 1.57 6.10 -13.20
N THR A 23 0.62 7.04 -13.09
CA THR A 23 -0.70 6.75 -12.53
C THR A 23 -1.37 5.62 -13.30
N TYR A 24 -1.35 5.70 -14.63
CA TYR A 24 -1.94 4.67 -15.47
C TYR A 24 -1.27 3.32 -15.25
N VAL A 25 0.06 3.29 -15.22
CA VAL A 25 0.78 2.02 -15.02
C VAL A 25 0.38 1.37 -13.72
N PHE A 26 0.24 2.13 -12.63
CA PHE A 26 -0.14 1.51 -11.36
C PHE A 26 -1.56 0.94 -11.43
N GLN A 27 -2.46 1.62 -12.14
CA GLN A 27 -3.81 1.07 -12.32
C GLN A 27 -3.78 -0.18 -13.16
N LYS A 28 -3.01 -0.17 -14.25
CA LYS A 28 -3.03 -1.28 -15.20
C LYS A 28 -2.35 -2.51 -14.61
N LEU A 29 -1.24 -2.32 -13.92
CA LEU A 29 -0.46 -3.45 -13.46
C LEU A 29 -0.99 -4.05 -12.17
N PHE A 30 -1.59 -3.23 -11.30
CA PHE A 30 -2.01 -3.67 -9.97
C PHE A 30 -3.50 -3.57 -9.73
N GLY A 31 -4.27 -3.05 -10.68
CA GLY A 31 -5.70 -2.90 -10.48
C GLY A 31 -6.09 -1.82 -9.50
N TYR A 32 -5.17 -0.93 -9.13
CA TYR A 32 -5.48 0.10 -8.17
C TYR A 32 -6.45 1.11 -8.75
N SER A 33 -7.28 1.66 -7.88
CA SER A 33 -8.16 2.75 -8.24
C SER A 33 -7.34 3.98 -8.62
N GLU A 34 -8.01 4.92 -9.28
CA GLU A 34 -7.33 6.17 -9.62
C GLU A 34 -6.85 6.94 -8.38
N PRO A 35 -7.67 7.15 -7.33
CA PRO A 35 -7.15 7.89 -6.17
C PRO A 35 -5.94 7.23 -5.53
N HIS A 36 -5.94 5.90 -5.51
CA HIS A 36 -4.80 5.15 -4.95
C HIS A 36 -3.56 5.32 -5.83
N ALA A 37 -3.70 5.05 -7.14
CA ALA A 37 -2.58 5.16 -8.05
C ALA A 37 -2.02 6.57 -8.10
N THR A 38 -2.89 7.60 -8.09
CA THR A 38 -2.42 8.97 -8.11
C THR A 38 -1.66 9.32 -6.84
N LYS A 39 -2.15 8.85 -5.68
CA LYS A 39 -1.45 9.10 -4.44
C LYS A 39 -0.04 8.49 -4.45
N LEU A 40 0.07 7.26 -4.95
CA LEU A 40 1.37 6.61 -5.05
C LEU A 40 2.28 7.35 -6.02
N MET A 41 1.75 7.72 -7.18
CA MET A 41 2.54 8.47 -8.14
C MET A 41 3.07 9.76 -7.52
N LEU A 42 2.21 10.51 -6.83
CA LEU A 42 2.64 11.77 -6.25
C LEU A 42 3.66 11.54 -5.14
N GLN A 43 3.54 10.43 -4.42
CA GLN A 43 4.53 10.11 -3.40
C GLN A 43 5.90 9.86 -4.03
N VAL A 44 5.94 9.11 -5.14
CA VAL A 44 7.20 8.92 -5.88
C VAL A 44 7.77 10.27 -6.29
N HIS A 45 6.90 11.13 -6.85
CA HIS A 45 7.34 12.41 -7.39
C HIS A 45 7.79 13.39 -6.29
N ASN A 46 7.14 13.38 -5.12
CA ASN A 46 7.41 14.35 -4.07
C ASN A 46 8.39 13.88 -2.99
N GLU A 47 8.51 12.58 -2.77
CA GLU A 47 9.45 12.02 -1.81
C GLU A 47 10.64 11.31 -2.45
N GLY A 48 10.59 11.04 -3.75
CA GLY A 48 11.68 10.39 -4.49
C GLY A 48 11.45 8.90 -4.65
N LYS A 49 10.58 8.31 -3.86
CA LYS A 49 10.29 6.89 -3.97
C LYS A 49 8.98 6.63 -3.26
N ALA A 50 8.41 5.45 -3.52
CA ALA A 50 7.27 5.00 -2.74
C ALA A 50 7.16 3.48 -2.81
N VAL A 51 6.75 2.88 -1.70
CA VAL A 51 6.32 1.50 -1.72
C VAL A 51 4.99 1.42 -2.47
N VAL A 52 4.95 0.56 -3.48
CA VAL A 52 3.76 0.41 -4.31
C VAL A 52 3.06 -0.93 -4.11
N SER A 53 3.72 -1.91 -3.53
CA SER A 53 3.11 -3.20 -3.29
C SER A 53 3.95 -3.92 -2.25
N ALA A 54 3.37 -4.98 -1.71
CA ALA A 54 3.99 -5.74 -0.62
C ALA A 54 3.56 -7.20 -0.71
N GLY A 55 4.44 -8.10 -0.28
CA GLY A 55 4.14 -9.52 -0.27
C GLY A 55 5.41 -10.34 -0.13
N SER A 56 5.32 -11.60 -0.53
CA SER A 56 6.50 -12.46 -0.50
C SER A 56 7.54 -11.96 -1.49
N ARG A 57 8.79 -12.37 -1.26
CA ARG A 57 9.90 -12.03 -2.16
C ARG A 57 9.59 -12.44 -3.59
N GLU A 58 9.08 -13.67 -3.78
CA GLU A 58 8.80 -14.12 -5.13
C GLU A 58 7.69 -13.29 -5.80
N SER A 59 6.69 -12.86 -5.03
CA SER A 59 5.65 -12.04 -5.62
CA SER A 59 5.64 -12.03 -5.60
C SER A 59 6.16 -10.65 -5.95
N MET A 60 7.08 -10.10 -5.15
CA MET A 60 7.65 -8.80 -5.46
C MET A 60 8.57 -8.85 -6.66
N GLU A 61 9.22 -9.98 -6.89
CA GLU A 61 10.07 -10.15 -8.08
C GLU A 61 9.20 -10.00 -9.35
N VAL A 62 7.97 -10.50 -9.33
CA VAL A 62 7.07 -10.32 -10.46
C VAL A 62 6.69 -8.86 -10.64
N ASP A 63 6.37 -8.15 -9.54
CA ASP A 63 5.99 -6.75 -9.64
C ASP A 63 7.13 -5.89 -10.18
N VAL A 64 8.35 -6.15 -9.73
CA VAL A 64 9.52 -5.46 -10.29
C VAL A 64 9.63 -5.71 -11.79
N SER A 65 9.51 -6.97 -12.21
CA SER A 65 9.64 -7.28 -13.63
C SER A 65 8.55 -6.59 -14.45
N LYS A 66 7.32 -6.57 -13.92
CA LYS A 66 6.21 -5.92 -14.61
C LYS A 66 6.47 -4.43 -14.74
N LEU A 67 6.96 -3.80 -13.67
CA LEU A 67 7.22 -2.36 -13.68
C LEU A 67 8.38 -2.01 -14.61
N HIS A 68 9.43 -2.84 -14.63
CA HIS A 68 10.52 -2.59 -15.56
C HIS A 68 10.07 -2.66 -17.01
N ALA A 69 9.18 -3.60 -17.33
CA ALA A 69 8.69 -3.69 -18.69
C ALA A 69 7.88 -2.46 -19.10
N ALA A 70 7.21 -1.82 -18.13
CA ALA A 70 6.49 -0.57 -18.35
C ALA A 70 7.42 0.63 -18.37
N GLY A 71 8.71 0.46 -18.07
CA GLY A 71 9.65 1.55 -18.13
C GLY A 71 9.88 2.28 -16.82
N LEU A 72 9.39 1.76 -15.70
CA LEU A 72 9.51 2.40 -14.41
CA LEU A 72 9.51 2.41 -14.42
C LEU A 72 10.68 1.83 -13.64
N TRP A 73 11.27 2.66 -12.79
CA TRP A 73 12.44 2.27 -12.01
C TRP A 73 11.97 1.62 -10.73
N ALA A 74 11.94 0.29 -10.69
CA ALA A 74 11.46 -0.46 -9.54
C ALA A 74 12.54 -1.33 -8.95
N THR A 75 12.55 -1.43 -7.63
CA THR A 75 13.39 -2.38 -6.92
C THR A 75 12.54 -3.04 -5.86
N MET A 76 13.11 -4.06 -5.24
CA MET A 76 12.47 -4.71 -4.10
C MET A 76 13.46 -4.85 -2.96
N GLN A 77 12.90 -4.87 -1.74
CA GLN A 77 13.69 -5.13 -0.56
C GLN A 77 12.83 -5.74 0.53
N GLN A 78 13.51 -6.35 1.49
CA GLN A 78 12.82 -6.91 2.63
C GLN A 78 12.22 -5.78 3.46
N ASP A 79 11.03 -6.02 3.98
CA ASP A 79 10.30 -5.07 4.82
C ASP A 79 10.56 -5.44 6.27
N ARG A 80 11.04 -4.48 7.04
CA ARG A 80 11.53 -4.74 8.40
C ARG A 80 10.56 -4.31 9.50
N ALA B 5 11.52 10.02 7.08
CA ALA B 5 11.11 8.72 6.51
C ALA B 5 9.61 8.62 6.66
N PRO B 6 8.96 7.94 5.73
CA PRO B 6 7.51 7.78 5.76
C PRO B 6 7.08 6.91 6.93
N TRP B 7 5.77 6.92 7.16
CA TRP B 7 5.07 6.18 8.20
C TRP B 7 4.06 5.27 7.52
N VAL B 8 3.52 4.34 8.32
CA VAL B 8 2.45 3.44 7.90
C VAL B 8 1.34 3.47 8.94
N THR B 9 0.13 3.15 8.49
CA THR B 9 -1.01 2.88 9.35
C THR B 9 -1.31 1.39 9.27
N ILE B 10 -1.55 0.78 10.42
CA ILE B 10 -1.76 -0.66 10.57
C ILE B 10 -3.14 -0.83 11.19
N VAL B 11 -3.96 -1.73 10.64
CA VAL B 11 -5.25 -2.11 11.22
C VAL B 11 -5.12 -3.47 11.86
N TRP B 12 -5.71 -3.64 13.04
CA TRP B 12 -5.62 -4.85 13.86
C TRP B 12 -6.96 -5.58 13.88
N ASP B 13 -6.90 -6.90 13.84
CA ASP B 13 -8.12 -7.71 13.73
C ASP B 13 -8.95 -7.59 15.00
N ASP B 14 -10.24 -7.30 14.81
CA ASP B 14 -11.25 -7.33 15.84
C ASP B 14 -12.29 -8.36 15.40
N PRO B 15 -12.51 -9.47 16.10
CA PRO B 15 -13.44 -10.48 15.58
C PRO B 15 -14.90 -10.04 15.55
N VAL B 16 -15.25 -8.91 16.18
CA VAL B 16 -16.63 -8.45 16.16
C VAL B 16 -17.04 -7.91 14.78
N ASN B 17 -16.11 -7.31 14.05
CA ASN B 17 -16.48 -6.66 12.79
C ASN B 17 -16.84 -7.66 11.71
N LEU B 18 -17.89 -7.35 10.96
CA LEU B 18 -18.15 -8.06 9.74
C LEU B 18 -17.03 -7.79 8.75
N MET B 19 -16.61 -8.85 8.05
CA MET B 19 -15.60 -8.70 7.01
C MET B 19 -16.04 -7.73 5.93
N SER B 20 -17.34 -7.75 5.61
CA SER B 20 -17.86 -6.83 4.59
C SER B 20 -17.74 -5.37 5.03
N TYR B 21 -17.88 -5.11 6.34
CA TYR B 21 -17.74 -3.75 6.84
C TYR B 21 -16.32 -3.27 6.67
N VAL B 22 -15.34 -4.12 6.99
CA VAL B 22 -13.94 -3.74 6.89
C VAL B 22 -13.59 -3.40 5.45
N THR B 23 -14.01 -4.22 4.49
CA THR B 23 -13.78 -3.93 3.08
C THR B 23 -14.35 -2.60 2.69
N TYR B 24 -15.61 -2.36 3.05
CA TYR B 24 -16.25 -1.08 2.76
C TYR B 24 -15.48 0.09 3.35
N VAL B 25 -15.06 -0.04 4.62
CA VAL B 25 -14.36 1.07 5.28
C VAL B 25 -13.06 1.39 4.54
N PHE B 26 -12.34 0.35 4.11
CA PHE B 26 -11.11 0.60 3.40
C PHE B 26 -11.36 1.29 2.06
N GLN B 27 -12.44 0.93 1.35
CA GLN B 27 -12.78 1.65 0.14
C GLN B 27 -13.20 3.07 0.42
N LYS B 28 -13.97 3.27 1.48
CA LYS B 28 -14.53 4.58 1.77
C LYS B 28 -13.45 5.55 2.20
N LEU B 29 -12.54 5.12 3.11
CA LEU B 29 -11.56 6.04 3.69
C LEU B 29 -10.37 6.28 2.79
N PHE B 30 -9.97 5.29 2.00
CA PHE B 30 -8.76 5.35 1.18
C PHE B 30 -9.04 5.36 -0.30
N GLY B 31 -10.29 5.16 -0.73
CA GLY B 31 -10.59 5.18 -2.13
C GLY B 31 -10.07 3.98 -2.90
N TYR B 32 -9.73 2.90 -2.20
CA TYR B 32 -9.12 1.76 -2.85
C TYR B 32 -10.12 1.04 -3.72
N SER B 33 -9.59 0.38 -4.75
CA SER B 33 -10.35 -0.57 -5.53
C SER B 33 -10.89 -1.67 -4.62
N GLU B 34 -12.00 -2.28 -5.06
CA GLU B 34 -12.57 -3.36 -4.25
C GLU B 34 -11.62 -4.55 -4.10
N PRO B 35 -10.88 -4.99 -5.14
CA PRO B 35 -9.92 -6.08 -4.91
C PRO B 35 -8.84 -5.75 -3.89
N HIS B 36 -8.33 -4.52 -3.89
CA HIS B 36 -7.27 -4.18 -2.95
C HIS B 36 -7.82 -4.08 -1.53
N ALA B 37 -9.00 -3.49 -1.38
CA ALA B 37 -9.62 -3.42 -0.06
C ALA B 37 -9.91 -4.81 0.49
N THR B 38 -10.35 -5.72 -0.38
CA THR B 38 -10.62 -7.09 0.06
C THR B 38 -9.33 -7.80 0.45
N LYS B 39 -8.29 -7.58 -0.35
CA LYS B 39 -6.96 -8.16 0.00
CA LYS B 39 -6.97 -8.17 -0.02
C LYS B 39 -6.47 -7.72 1.38
N LEU B 40 -6.60 -6.42 1.68
CA LEU B 40 -6.15 -5.92 2.97
C LEU B 40 -7.03 -6.46 4.09
N MET B 41 -8.35 -6.49 3.87
CA MET B 41 -9.27 -7.04 4.86
C MET B 41 -8.89 -8.47 5.19
N LEU B 42 -8.64 -9.28 4.15
CA LEU B 42 -8.29 -10.68 4.38
C LEU B 42 -6.99 -10.80 5.12
N GLN B 43 -6.04 -9.90 4.87
CA GLN B 43 -4.78 -9.95 5.57
C GLN B 43 -4.97 -9.66 7.05
N VAL B 44 -5.79 -8.66 7.38
CA VAL B 44 -6.15 -8.40 8.77
C VAL B 44 -6.74 -9.65 9.42
N HIS B 45 -7.68 -10.30 8.73
CA HIS B 45 -8.38 -11.44 9.29
C HIS B 45 -7.47 -12.65 9.45
N ASN B 46 -6.62 -12.91 8.44
CA ASN B 46 -5.81 -14.12 8.44
C ASN B 46 -4.52 -13.99 9.23
N GLU B 47 -3.88 -12.82 9.16
CA GLU B 47 -2.58 -12.59 9.80
C GLU B 47 -2.70 -11.80 11.09
N GLY B 48 -3.85 -11.20 11.38
CA GLY B 48 -4.06 -10.46 12.59
C GLY B 48 -3.88 -8.97 12.43
N LYS B 49 -3.24 -8.53 11.35
CA LYS B 49 -2.99 -7.13 11.11
C LYS B 49 -2.61 -6.94 9.65
N ALA B 50 -2.66 -5.69 9.21
CA ALA B 50 -2.19 -5.34 7.87
C ALA B 50 -1.84 -3.87 7.83
N VAL B 51 -0.81 -3.55 7.05
CA VAL B 51 -0.50 -2.17 6.71
C VAL B 51 -1.53 -1.74 5.68
N VAL B 52 -2.32 -0.71 5.99
CA VAL B 52 -3.42 -0.30 5.11
C VAL B 52 -3.15 1.01 4.39
N SER B 53 -2.23 1.81 4.88
CA SER B 53 -1.90 3.10 4.21
CA SER B 53 -1.91 3.13 4.25
C SER B 53 -0.44 3.48 4.54
N ALA B 54 0.10 4.41 3.76
CA ALA B 54 1.49 4.84 3.94
C ALA B 54 1.62 6.28 3.46
N GLY B 55 2.46 7.06 4.14
CA GLY B 55 2.71 8.45 3.73
C GLY B 55 3.30 9.22 4.87
N SER B 56 3.03 10.50 4.95
CA SER B 56 3.68 11.30 6.01
C SER B 56 3.09 10.95 7.38
N ARG B 57 3.83 11.24 8.44
CA ARG B 57 3.35 11.08 9.84
C ARG B 57 2.00 11.78 9.97
N GLU B 58 1.86 12.99 9.42
CA GLU B 58 0.62 13.78 9.56
C GLU B 58 -0.54 13.09 8.84
N SER B 59 -0.28 12.53 7.67
CA SER B 59 -1.34 11.84 6.94
C SER B 59 -1.76 10.58 7.66
N MET B 60 -0.79 9.85 8.22
CA MET B 60 -1.11 8.64 8.97
C MET B 60 -1.88 8.94 10.24
N GLU B 61 -1.59 10.07 10.90
CA GLU B 61 -2.38 10.46 12.07
C GLU B 61 -3.85 10.61 11.72
N VAL B 62 -4.14 11.22 10.58
CA VAL B 62 -5.53 11.40 10.17
C VAL B 62 -6.15 10.08 9.74
N ASP B 63 -5.38 9.21 9.08
CA ASP B 63 -5.91 7.90 8.72
C ASP B 63 -6.28 7.09 9.96
N VAL B 64 -5.44 7.14 11.00
CA VAL B 64 -5.74 6.46 12.25
C VAL B 64 -7.01 7.02 12.85
N SER B 65 -7.13 8.34 12.86
CA SER B 65 -8.31 8.98 13.43
C SER B 65 -9.57 8.62 12.66
N LYS B 66 -9.50 8.63 11.33
CA LYS B 66 -10.64 8.20 10.50
C LYS B 66 -11.02 6.74 10.78
N LEU B 67 -10.03 5.86 10.86
CA LEU B 67 -10.31 4.46 11.16
C LEU B 67 -10.93 4.30 12.54
N HIS B 68 -10.43 5.03 13.54
CA HIS B 68 -11.02 4.94 14.87
C HIS B 68 -12.48 5.38 14.87
N ALA B 69 -12.78 6.45 14.13
CA ALA B 69 -14.15 6.93 14.05
C ALA B 69 -15.06 5.90 13.38
N ALA B 70 -14.51 5.12 12.45
CA ALA B 70 -15.25 4.03 11.79
C ALA B 70 -15.31 2.78 12.65
N GLY B 71 -14.69 2.79 13.82
CA GLY B 71 -14.76 1.68 14.73
C GLY B 71 -13.70 0.63 14.56
N LEU B 72 -12.68 0.88 13.75
CA LEU B 72 -11.57 -0.05 13.53
C LEU B 72 -10.40 0.33 14.41
N TRP B 73 -9.55 -0.66 14.65
CA TRP B 73 -8.41 -0.51 15.55
C TRP B 73 -7.18 -0.23 14.72
N ALA B 74 -6.65 0.98 14.85
CA ALA B 74 -5.54 1.45 14.03
C ALA B 74 -4.41 2.05 14.84
N THR B 75 -3.19 1.74 14.42
CA THR B 75 -1.97 2.30 14.96
C THR B 75 -1.12 2.77 13.80
N MET B 76 -0.07 3.52 14.14
CA MET B 76 0.90 3.96 13.15
CA MET B 76 0.89 3.97 13.16
C MET B 76 2.31 3.76 13.68
N GLN B 77 3.23 3.69 12.72
CA GLN B 77 4.63 3.60 13.07
C GLN B 77 5.49 4.02 11.88
N GLN B 78 6.70 4.43 12.22
CA GLN B 78 7.63 4.93 11.22
C GLN B 78 8.18 3.77 10.40
N ASP B 79 8.20 3.96 9.09
CA ASP B 79 8.69 2.95 8.17
C ASP B 79 10.22 2.95 8.17
N ARG B 80 10.81 1.91 7.61
CA ARG B 80 12.28 1.77 7.63
C ARG B 80 12.82 1.48 6.22
MG MG C . 8.38 -1.11 5.96
MG MG D . 8.08 14.63 -10.27
MG MG E . 10.20 5.33 -12.34
S DMS F . 6.45 8.35 -21.42
O DMS F . 5.81 8.56 -20.11
C1 DMS F . 5.55 9.32 -22.59
C2 DMS F . 7.94 9.32 -21.38
H11 DMS F . 5.94 9.22 -23.46
H12 DMS F . 5.58 10.25 -22.33
H13 DMS F . 4.62 9.03 -22.60
H21 DMS F . 8.42 9.22 -22.21
H22 DMS F . 8.50 9.01 -20.65
H23 DMS F . 7.70 10.25 -21.24
NI NI G . -0.01 16.00 13.75
MG MG H . -12.77 7.28 20.75
MG MG I . -12.58 -2.91 15.44
#